data_5UT6
#
_entry.id   5UT6
#
_cell.length_a   44.371
_cell.length_b   57.642
_cell.length_c   60.682
_cell.angle_alpha   90.00
_cell.angle_beta   110.24
_cell.angle_gamma   90.00
#
_symmetry.space_group_name_H-M   'P 1 21 1'
#
loop_
_entity.id
_entity.type
_entity.pdbx_description
1 polymer 'Tyrosine-protein kinase JAK2'
2 non-polymer 4-({4-amino-6-[3-(hydroxymethyl)-1H-pyrazol-1-yl]pyrimidin-2-yl}amino)benzonitrile
3 non-polymer GLYCEROL
4 non-polymer 'DIMETHYL SULFOXIDE'
5 non-polymer 'ACETATE ION'
6 water water
#
_entity_poly.entity_id   1
_entity_poly.type   'polypeptide(L)'
_entity_poly.pdbx_seq_one_letter_code
;VFHKIRNEDLIFNESLGQGTFTKIFKGVRREVGDYGQLHETEVLLKVLDKAHRNYSESFFEAASMMSKLSHKHLVLNYGV
CVCGDENILVQEFVKFGSLDTYLKKNKNCINILWKLEVAKQLAAAMHFLEENTLIHGNVCAKNILLIREEDRKTGNPPFI
KLSDPGISITVLPKDILQERIPWVPPECIENPKNLNLATDKWSFGTTLWEICSGGDKPLSALDSQRKLQFYEDRHQLPAP
KAAELANLINNCMDYEPDHRPSFRAIIRDLNSLFTPDLVPRGSHHHHHH
;
_entity_poly.pdbx_strand_id   A
#
loop_
_chem_comp.id
_chem_comp.type
_chem_comp.name
_chem_comp.formula
8MY non-polymer 4-({4-amino-6-[3-(hydroxymethyl)-1H-pyrazol-1-yl]pyrimidin-2-yl}amino)benzonitrile 'C15 H13 N7 O'
ACT non-polymer 'ACETATE ION' 'C2 H3 O2 -1'
DMS non-polymer 'DIMETHYL SULFOXIDE' 'C2 H6 O S'
GOL non-polymer GLYCEROL 'C3 H8 O3'
#
# COMPACT_ATOMS: atom_id res chain seq x y z
N PHE A 2 -13.92 -3.25 -15.32
CA PHE A 2 -12.75 -2.48 -15.75
C PHE A 2 -12.82 -2.24 -17.24
N HIS A 3 -12.39 -1.06 -17.68
CA HIS A 3 -12.16 -0.79 -19.10
C HIS A 3 -11.12 -1.75 -19.66
N LYS A 4 -11.36 -2.22 -20.87
CA LYS A 4 -10.45 -3.18 -21.47
C LYS A 4 -9.51 -2.47 -22.43
N ILE A 5 -8.21 -2.67 -22.25
CA ILE A 5 -7.21 -2.01 -23.06
C ILE A 5 -6.55 -3.06 -23.92
N ARG A 6 -6.39 -2.78 -25.22
CA ARG A 6 -5.78 -3.73 -26.14
C ARG A 6 -4.28 -3.79 -25.96
N ASN A 7 -3.73 -5.01 -26.08
CA ASN A 7 -2.28 -5.19 -25.97
C ASN A 7 -1.54 -4.39 -27.02
N GLU A 8 -2.15 -4.22 -28.20
CA GLU A 8 -1.55 -3.43 -29.27
C GLU A 8 -1.34 -1.98 -28.86
N ASP A 9 -2.07 -1.54 -27.86
CA ASP A 9 -1.99 -0.14 -27.47
C ASP A 9 -1.01 0.08 -26.32
N LEU A 10 -0.27 -0.96 -25.92
CA LEU A 10 0.59 -0.91 -24.74
C LEU A 10 2.01 -1.25 -25.15
N ILE A 11 2.96 -0.46 -24.69
CA ILE A 11 4.38 -0.73 -24.89
C ILE A 11 4.99 -0.93 -23.51
N PHE A 12 5.70 -2.05 -23.32
CA PHE A 12 6.39 -2.35 -22.06
C PHE A 12 7.80 -1.81 -22.11
N ASN A 13 8.17 -1.03 -21.10
CA ASN A 13 9.53 -0.53 -20.97
C ASN A 13 10.08 -1.10 -19.66
N GLU A 14 10.79 -0.30 -18.88
CA GLU A 14 11.71 -0.93 -17.91
C GLU A 14 10.98 -1.57 -16.74
N SER A 15 11.59 -2.63 -16.22
CA SER A 15 11.10 -3.20 -14.98
C SER A 15 11.28 -2.22 -13.85
N LEU A 16 10.26 -2.12 -13.01
CA LEU A 16 10.25 -1.31 -11.80
C LEU A 16 10.21 -2.13 -10.53
N GLY A 17 10.29 -3.45 -10.61
CA GLY A 17 10.34 -4.31 -9.44
C GLY A 17 9.33 -5.41 -9.53
N GLN A 18 9.09 -6.06 -8.37
CA GLN A 18 8.17 -7.18 -8.30
C GLN A 18 7.33 -7.07 -7.05
N GLY A 19 6.15 -7.68 -7.09
CA GLY A 19 5.34 -7.85 -5.91
C GLY A 19 5.02 -9.32 -5.70
N THR A 20 3.97 -9.63 -4.95
CA THR A 20 3.65 -11.02 -4.69
C THR A 20 3.01 -11.61 -5.93
N PHE A 21 3.72 -12.52 -6.59
CA PHE A 21 3.26 -13.16 -7.82
C PHE A 21 3.08 -12.17 -8.97
N THR A 22 3.74 -11.01 -8.93
CA THR A 22 3.57 -9.98 -9.95
C THR A 22 4.91 -9.35 -10.31
N LYS A 23 4.93 -8.70 -11.46
CA LYS A 23 6.06 -7.90 -11.91
C LYS A 23 5.52 -6.57 -12.39
N ILE A 24 6.22 -5.48 -12.12
CA ILE A 24 5.75 -4.16 -12.50
C ILE A 24 6.72 -3.55 -13.51
N PHE A 25 6.18 -2.84 -14.49
CA PHE A 25 6.95 -2.20 -15.54
C PHE A 25 6.44 -0.79 -15.77
N LYS A 26 7.35 0.08 -16.18
CA LYS A 26 6.93 1.35 -16.79
C LYS A 26 6.51 1.05 -18.22
N GLY A 27 5.46 1.72 -18.69
CA GLY A 27 5.07 1.52 -20.08
C GLY A 27 4.40 2.74 -20.68
N VAL A 28 3.92 2.59 -21.91
CA VAL A 28 3.22 3.66 -22.61
C VAL A 28 1.90 3.08 -23.11
N ARG A 29 0.83 3.86 -23.00
CA ARG A 29 -0.45 3.49 -23.58
C ARG A 29 -0.80 4.52 -24.64
N ARG A 30 -1.07 4.04 -25.87
CA ARG A 30 -1.61 4.89 -26.92
C ARG A 30 -3.13 4.95 -26.76
N GLU A 31 -3.68 6.17 -26.73
CA GLU A 31 -5.12 6.25 -26.46
C GLU A 31 -5.67 7.50 -27.12
N VAL A 32 -6.98 7.49 -27.35
CA VAL A 32 -7.70 8.69 -27.77
C VAL A 32 -8.19 9.35 -26.48
N GLY A 33 -7.84 10.61 -26.28
CA GLY A 33 -8.22 11.32 -25.07
C GLY A 33 -9.29 12.35 -25.30
N ASP A 34 -9.39 13.29 -24.34
CA ASP A 34 -10.38 14.35 -24.49
C ASP A 34 -10.22 15.11 -25.81
N TYR A 35 -11.36 15.52 -26.35
CA TYR A 35 -11.47 16.26 -27.61
C TYR A 35 -10.96 15.43 -28.77
N GLY A 36 -10.85 14.12 -28.59
CA GLY A 36 -10.38 13.29 -29.67
C GLY A 36 -8.90 13.36 -29.92
N GLN A 37 -8.13 13.98 -29.02
CA GLN A 37 -6.69 14.07 -29.21
C GLN A 37 -6.02 12.73 -28.93
N LEU A 38 -5.03 12.39 -29.74
CA LEU A 38 -4.23 11.20 -29.50
C LEU A 38 -3.16 11.47 -28.46
N HIS A 39 -2.95 10.52 -27.56
CA HIS A 39 -1.98 10.65 -26.49
C HIS A 39 -1.14 9.39 -26.41
N GLU A 40 0.12 9.57 -26.01
CA GLU A 40 0.97 8.47 -25.60
C GLU A 40 1.26 8.70 -24.12
N THR A 41 0.55 7.97 -23.26
CA THR A 41 0.47 8.25 -21.83
C THR A 41 1.40 7.30 -21.09
N GLU A 42 2.24 7.83 -20.18
CA GLU A 42 3.04 6.96 -19.31
C GLU A 42 2.13 6.19 -18.35
N VAL A 43 2.38 4.88 -18.18
CA VAL A 43 1.51 4.04 -17.36
C VAL A 43 2.38 3.08 -16.53
N LEU A 44 1.83 2.64 -15.41
CA LEU A 44 2.38 1.50 -14.66
C LEU A 44 1.68 0.23 -15.11
N LEU A 45 2.45 -0.79 -15.57
CA LEU A 45 1.87 -2.04 -15.99
C LEU A 45 2.19 -3.07 -14.91
N LYS A 46 1.16 -3.64 -14.31
CA LYS A 46 1.34 -4.61 -13.23
C LYS A 46 0.88 -5.96 -13.80
N VAL A 47 1.80 -6.93 -13.89
CA VAL A 47 1.59 -8.16 -14.63
C VAL A 47 1.55 -9.34 -13.67
N LEU A 48 0.43 -10.05 -13.66
CA LEU A 48 0.34 -11.28 -12.88
C LEU A 48 1.24 -12.36 -13.51
N ASP A 49 2.06 -13.03 -12.70
CA ASP A 49 2.90 -14.09 -13.22
C ASP A 49 2.06 -15.16 -13.93
N LYS A 50 2.50 -15.59 -15.13
CA LYS A 50 1.74 -16.61 -15.85
C LYS A 50 1.64 -17.90 -15.03
N ALA A 51 2.71 -18.27 -14.31
CA ALA A 51 2.68 -19.41 -13.43
C ALA A 51 1.61 -19.31 -12.35
N HIS A 52 1.13 -18.11 -12.04
CA HIS A 52 0.14 -17.92 -10.97
C HIS A 52 -1.17 -17.38 -11.49
N ARG A 53 -1.51 -17.72 -12.74
CA ARG A 53 -2.75 -17.24 -13.36
C ARG A 53 -4.00 -17.62 -12.56
N ASN A 54 -3.93 -18.70 -11.78
CA ASN A 54 -5.04 -19.10 -10.92
C ASN A 54 -5.40 -18.03 -9.89
N TYR A 55 -4.55 -17.02 -9.67
CA TYR A 55 -4.87 -15.96 -8.72
C TYR A 55 -5.53 -14.77 -9.41
N SER A 56 -5.89 -14.91 -10.68
CA SER A 56 -6.27 -13.74 -11.47
C SER A 56 -7.49 -13.03 -10.88
N GLU A 57 -8.50 -13.79 -10.46
CA GLU A 57 -9.67 -13.17 -9.83
C GLU A 57 -9.26 -12.29 -8.63
N SER A 58 -8.44 -12.85 -7.72
CA SER A 58 -8.08 -12.04 -6.56
C SER A 58 -7.22 -10.86 -6.97
N PHE A 59 -6.35 -11.07 -7.98
CA PHE A 59 -5.45 -10.03 -8.47
C PHE A 59 -6.26 -8.84 -8.95
N PHE A 60 -7.36 -9.10 -9.65
CA PHE A 60 -8.14 -8.00 -10.21
C PHE A 60 -9.12 -7.48 -9.19
N GLU A 61 -9.58 -8.36 -8.28
CA GLU A 61 -10.53 -7.91 -7.28
C GLU A 61 -9.87 -6.86 -6.42
N ALA A 62 -8.56 -7.07 -6.14
CA ALA A 62 -7.76 -6.09 -5.44
C ALA A 62 -7.92 -4.71 -6.07
N ALA A 63 -7.76 -4.62 -7.39
CA ALA A 63 -7.85 -3.28 -8.00
C ALA A 63 -9.28 -2.80 -8.08
N SER A 64 -10.22 -3.72 -8.25
CA SER A 64 -11.57 -3.34 -8.66
CA SER A 64 -11.56 -3.33 -8.67
C SER A 64 -12.30 -2.56 -7.57
N MET A 65 -12.36 -3.11 -6.36
CA MET A 65 -13.25 -2.52 -5.35
C MET A 65 -12.84 -1.08 -5.04
N MET A 66 -11.53 -0.85 -4.90
CA MET A 66 -11.01 0.50 -4.70
CA MET A 66 -11.04 0.51 -4.68
C MET A 66 -11.34 1.41 -5.87
N SER A 67 -11.20 0.92 -7.12
CA SER A 67 -11.58 1.76 -8.25
C SER A 67 -13.06 2.09 -8.25
N LYS A 68 -13.87 1.36 -7.48
CA LYS A 68 -15.28 1.71 -7.41
C LYS A 68 -15.52 3.00 -6.62
N LEU A 69 -14.59 3.38 -5.73
CA LEU A 69 -14.56 4.72 -5.14
C LEU A 69 -13.52 5.58 -5.88
N SER A 70 -13.75 6.89 -5.83
CA SER A 70 -12.83 7.85 -6.39
C SER A 70 -12.42 8.81 -5.28
N HIS A 71 -11.11 9.08 -5.14
CA HIS A 71 -10.61 9.93 -4.06
C HIS A 71 -9.21 10.42 -4.41
N LYS A 72 -8.88 11.65 -3.99
CA LYS A 72 -7.60 12.23 -4.37
C LYS A 72 -6.40 11.46 -3.84
N HIS A 73 -6.55 10.66 -2.76
CA HIS A 73 -5.46 9.86 -2.18
C HIS A 73 -5.54 8.39 -2.56
N LEU A 74 -6.36 8.03 -3.56
CA LEU A 74 -6.39 6.64 -4.05
C LEU A 74 -5.87 6.60 -5.48
N VAL A 75 -5.00 5.63 -5.76
CA VAL A 75 -4.42 5.49 -7.10
C VAL A 75 -5.50 5.31 -8.16
N LEU A 76 -5.23 5.85 -9.35
CA LEU A 76 -6.13 5.78 -10.50
C LEU A 76 -5.78 4.52 -11.32
N ASN A 77 -6.75 3.65 -11.52
CA ASN A 77 -6.57 2.51 -12.43
C ASN A 77 -7.20 2.89 -13.75
N TYR A 78 -6.46 2.72 -14.84
CA TYR A 78 -6.98 3.02 -16.16
C TYR A 78 -7.77 1.86 -16.74
N GLY A 79 -7.37 0.63 -16.44
CA GLY A 79 -8.05 -0.48 -17.07
C GLY A 79 -7.26 -1.76 -16.91
N VAL A 80 -7.61 -2.75 -17.70
CA VAL A 80 -6.92 -4.03 -17.66
C VAL A 80 -6.67 -4.44 -19.09
N CYS A 81 -5.61 -5.20 -19.29
CA CYS A 81 -5.35 -5.89 -20.54
C CYS A 81 -5.36 -7.38 -20.25
N VAL A 82 -6.29 -8.10 -20.90
CA VAL A 82 -6.36 -9.53 -20.71
C VAL A 82 -6.29 -10.19 -22.09
N CYS A 83 -5.66 -9.53 -23.05
CA CYS A 83 -5.43 -10.15 -24.36
C CYS A 83 -4.53 -11.37 -24.20
N GLY A 84 -4.79 -12.39 -25.00
CA GLY A 84 -3.89 -13.53 -25.03
C GLY A 84 -3.80 -14.18 -23.67
N ASP A 85 -2.57 -14.48 -23.23
CA ASP A 85 -2.34 -15.16 -21.97
C ASP A 85 -1.89 -14.20 -20.86
N GLU A 86 -2.07 -12.90 -21.08
CA GLU A 86 -1.67 -11.88 -20.13
C GLU A 86 -2.78 -11.54 -19.14
N ASN A 87 -2.39 -11.20 -17.90
CA ASN A 87 -3.30 -10.56 -16.96
C ASN A 87 -2.59 -9.30 -16.48
N ILE A 88 -3.03 -8.13 -16.96
CA ILE A 88 -2.29 -6.88 -16.73
C ILE A 88 -3.22 -5.82 -16.17
N LEU A 89 -2.80 -5.18 -15.09
CA LEU A 89 -3.47 -4.01 -14.59
C LEU A 89 -2.72 -2.77 -15.07
N VAL A 90 -3.47 -1.79 -15.61
CA VAL A 90 -2.90 -0.58 -16.19
C VAL A 90 -3.30 0.57 -15.26
N GLN A 91 -2.29 1.15 -14.60
CA GLN A 91 -2.47 2.16 -13.55
C GLN A 91 -1.71 3.44 -13.91
N GLU A 92 -2.11 4.58 -13.29
CA GLU A 92 -1.38 5.81 -13.53
C GLU A 92 0.08 5.62 -13.16
N PHE A 93 0.97 6.26 -13.93
CA PHE A 93 2.38 6.23 -13.57
C PHE A 93 2.69 7.34 -12.58
N VAL A 94 3.24 6.99 -11.41
CA VAL A 94 3.57 7.96 -10.39
C VAL A 94 5.07 8.25 -10.47
N LYS A 95 5.42 9.53 -10.59
CA LYS A 95 6.80 9.88 -10.93
C LYS A 95 7.82 9.39 -9.88
N PHE A 96 7.49 9.43 -8.60
CA PHE A 96 8.54 9.22 -7.61
C PHE A 96 8.49 7.82 -6.99
N GLY A 97 7.60 6.97 -7.47
CA GLY A 97 7.57 5.58 -7.08
C GLY A 97 6.96 5.32 -5.71
N SER A 98 7.28 4.14 -5.18
CA SER A 98 6.68 3.68 -3.94
C SER A 98 7.47 4.21 -2.76
N LEU A 99 6.77 4.33 -1.64
CA LEU A 99 7.33 4.99 -0.48
C LEU A 99 8.42 4.16 0.18
N ASP A 100 8.35 2.82 0.14
CA ASP A 100 9.44 2.08 0.78
C ASP A 100 10.80 2.49 0.17
N THR A 101 10.87 2.47 -1.17
CA THR A 101 12.12 2.81 -1.85
C THR A 101 12.49 4.25 -1.59
N TYR A 102 11.51 5.15 -1.69
CA TYR A 102 11.79 6.56 -1.51
C TYR A 102 12.38 6.81 -0.13
N LEU A 103 11.80 6.19 0.90
CA LEU A 103 12.29 6.40 2.25
C LEU A 103 13.73 5.91 2.38
N LYS A 104 14.01 4.74 1.84
CA LYS A 104 15.38 4.21 1.99
C LYS A 104 16.40 5.09 1.27
N LYS A 105 16.06 5.52 0.05
CA LYS A 105 16.96 6.38 -0.72
C LYS A 105 17.13 7.75 -0.06
N ASN A 106 16.12 8.25 0.64
CA ASN A 106 16.10 9.65 1.05
C ASN A 106 16.07 9.83 2.57
N LYS A 107 16.49 8.81 3.35
CA LYS A 107 16.52 8.88 4.81
C LYS A 107 17.02 10.20 5.36
N ASN A 108 18.13 10.70 4.82
CA ASN A 108 18.83 11.80 5.46
C ASN A 108 18.14 13.15 5.28
N CYS A 109 17.17 13.29 4.38
CA CYS A 109 16.53 14.58 4.20
C CYS A 109 15.02 14.52 4.42
N ILE A 110 14.56 13.53 5.17
CA ILE A 110 13.15 13.42 5.53
C ILE A 110 13.04 13.68 7.03
N ASN A 111 12.34 14.74 7.39
CA ASN A 111 12.26 15.15 8.78
C ASN A 111 10.87 14.91 9.34
N ILE A 112 10.67 15.37 10.58
CA ILE A 112 9.46 15.02 11.30
C ILE A 112 8.23 15.60 10.64
N LEU A 113 8.35 16.81 10.06
CA LEU A 113 7.18 17.43 9.45
C LEU A 113 6.76 16.72 8.18
N TRP A 114 7.74 16.26 7.40
CA TRP A 114 7.44 15.42 6.22
C TRP A 114 6.71 14.14 6.62
N LYS A 115 7.23 13.45 7.64
CA LYS A 115 6.60 12.23 8.12
C LYS A 115 5.19 12.49 8.62
N LEU A 116 4.97 13.60 9.34
CA LEU A 116 3.65 13.89 9.86
C LEU A 116 2.67 14.17 8.73
N GLU A 117 3.10 14.94 7.73
CA GLU A 117 2.21 15.25 6.61
C GLU A 117 1.82 13.97 5.85
N VAL A 118 2.80 13.07 5.67
CA VAL A 118 2.50 11.82 4.98
C VAL A 118 1.55 10.96 5.80
N ALA A 119 1.79 10.90 7.14
CA ALA A 119 0.91 10.13 8.01
C ALA A 119 -0.51 10.66 7.96
N LYS A 120 -0.67 11.99 7.94
CA LYS A 120 -2.01 12.59 7.88
C LYS A 120 -2.71 12.24 6.59
N GLN A 121 -1.98 12.28 5.48
CA GLN A 121 -2.59 11.93 4.20
C GLN A 121 -2.98 10.45 4.12
N LEU A 122 -2.11 9.55 4.63
CA LEU A 122 -2.50 8.15 4.67
C LEU A 122 -3.73 7.96 5.55
N ALA A 123 -3.76 8.67 6.68
CA ALA A 123 -4.90 8.51 7.57
C ALA A 123 -6.16 9.05 6.93
N ALA A 124 -6.04 10.12 6.15
CA ALA A 124 -7.23 10.61 5.45
C ALA A 124 -7.77 9.56 4.46
N ALA A 125 -6.87 8.94 3.67
CA ALA A 125 -7.31 7.91 2.75
C ALA A 125 -7.97 6.75 3.50
N MET A 126 -7.41 6.37 4.65
CA MET A 126 -7.98 5.25 5.40
C MET A 126 -9.28 5.62 6.05
N HIS A 127 -9.46 6.89 6.45
CA HIS A 127 -10.73 7.32 6.99
C HIS A 127 -11.81 7.27 5.90
N PHE A 128 -11.43 7.65 4.68
CA PHE A 128 -12.37 7.53 3.57
C PHE A 128 -12.77 6.08 3.36
N LEU A 129 -11.80 5.17 3.38
CA LEU A 129 -12.14 3.76 3.24
C LEU A 129 -13.01 3.29 4.40
N GLU A 130 -12.65 3.68 5.63
CA GLU A 130 -13.43 3.23 6.79
C GLU A 130 -14.89 3.72 6.71
N GLU A 131 -15.10 4.98 6.32
CA GLU A 131 -16.45 5.50 6.20
C GLU A 131 -17.24 4.75 5.14
N ASN A 132 -16.57 4.25 4.11
CA ASN A 132 -17.21 3.43 3.07
C ASN A 132 -17.17 1.94 3.40
N THR A 133 -16.79 1.58 4.63
CA THR A 133 -16.65 0.20 5.05
C THR A 133 -15.96 -0.66 3.98
N LEU A 134 -14.89 -0.14 3.37
CA LEU A 134 -14.09 -0.91 2.42
C LEU A 134 -12.75 -1.28 3.03
N ILE A 135 -12.48 -2.57 3.10
CA ILE A 135 -11.21 -3.09 3.62
C ILE A 135 -10.16 -3.02 2.52
N HIS A 136 -8.97 -2.56 2.87
CA HIS A 136 -7.85 -2.55 1.93
C HIS A 136 -7.12 -3.87 2.05
N GLY A 137 -6.63 -4.16 3.26
CA GLY A 137 -6.04 -5.44 3.55
C GLY A 137 -4.53 -5.54 3.40
N ASN A 138 -3.87 -4.52 2.86
CA ASN A 138 -2.42 -4.61 2.73
C ASN A 138 -1.83 -3.21 2.75
N VAL A 139 -2.08 -2.50 3.85
CA VAL A 139 -1.44 -1.19 4.02
C VAL A 139 0.03 -1.39 4.40
N CYS A 140 0.93 -0.78 3.59
CA CYS A 140 2.37 -0.85 3.82
C CYS A 140 3.02 0.24 2.95
N ALA A 141 4.27 0.57 3.26
CA ALA A 141 4.91 1.65 2.52
C ALA A 141 5.09 1.30 1.06
N LYS A 142 5.26 0.01 0.75
CA LYS A 142 5.38 -0.40 -0.65
C LYS A 142 4.09 -0.11 -1.43
N ASN A 143 2.97 0.04 -0.76
CA ASN A 143 1.70 0.35 -1.40
C ASN A 143 1.33 1.83 -1.26
N ILE A 144 2.26 2.68 -0.88
CA ILE A 144 2.05 4.14 -0.88
C ILE A 144 2.92 4.72 -1.98
N LEU A 145 2.34 5.59 -2.81
CA LEU A 145 3.02 6.14 -3.97
C LEU A 145 3.20 7.63 -3.78
N LEU A 146 4.38 8.13 -4.15
CA LEU A 146 4.69 9.55 -3.95
C LEU A 146 4.44 10.31 -5.27
N ILE A 147 3.34 11.05 -5.31
CA ILE A 147 2.96 11.86 -6.47
C ILE A 147 3.88 13.05 -6.66
N ARG A 148 4.19 13.71 -5.54
CA ARG A 148 4.84 15.00 -5.54
C ARG A 148 5.77 15.08 -4.35
N GLU A 149 6.99 15.56 -4.58
CA GLU A 149 7.93 15.76 -3.50
C GLU A 149 7.61 17.04 -2.77
N GLU A 150 8.04 17.11 -1.53
CA GLU A 150 7.94 18.34 -0.77
C GLU A 150 8.81 19.41 -1.41
N ASP A 151 8.32 20.65 -1.38
CA ASP A 151 9.09 21.81 -1.86
C ASP A 151 8.95 22.91 -0.84
N ARG A 152 9.90 22.99 0.09
CA ARG A 152 9.90 24.10 1.05
C ARG A 152 9.79 25.44 0.34
N LYS A 153 10.52 25.62 -0.77
CA LYS A 153 10.61 26.90 -1.44
C LYS A 153 9.25 27.47 -1.85
N THR A 154 8.21 26.64 -1.95
CA THR A 154 6.84 27.13 -2.09
C THR A 154 5.94 26.63 -0.96
N GLY A 155 6.53 26.21 0.16
CA GLY A 155 5.76 25.63 1.25
C GLY A 155 4.94 24.41 0.88
N ASN A 156 5.24 23.76 -0.24
CA ASN A 156 4.38 22.70 -0.75
C ASN A 156 4.68 21.39 -0.05
N PRO A 157 3.70 20.74 0.56
CA PRO A 157 3.93 19.43 1.19
C PRO A 157 4.14 18.35 0.15
N PRO A 158 4.66 17.20 0.53
CA PRO A 158 4.58 16.04 -0.36
C PRO A 158 3.12 15.61 -0.52
N PHE A 159 2.83 14.83 -1.57
CA PHE A 159 1.48 14.34 -1.78
C PHE A 159 1.56 12.84 -2.15
N ILE A 160 0.79 11.99 -1.44
CA ILE A 160 0.83 10.54 -1.65
C ILE A 160 -0.54 10.02 -2.05
N LYS A 161 -0.52 8.84 -2.70
CA LYS A 161 -1.71 8.04 -2.92
C LYS A 161 -1.51 6.62 -2.41
N LEU A 162 -2.60 6.01 -2.00
CA LEU A 162 -2.59 4.60 -1.61
C LEU A 162 -2.89 3.75 -2.84
N SER A 163 -2.05 2.74 -3.06
CA SER A 163 -2.24 1.86 -4.21
C SER A 163 -3.05 0.64 -3.81
N ASP A 164 -3.31 -0.27 -4.76
CA ASP A 164 -4.15 -1.42 -4.45
C ASP A 164 -3.39 -2.45 -3.62
N PRO A 165 -4.12 -3.32 -2.91
CA PRO A 165 -3.46 -4.24 -1.98
C PRO A 165 -2.80 -5.43 -2.62
N GLY A 166 -3.02 -5.65 -3.91
CA GLY A 166 -2.62 -6.90 -4.55
C GLY A 166 -3.45 -8.10 -4.09
N ILE A 167 -2.98 -9.29 -4.48
CA ILE A 167 -3.74 -10.50 -4.14
C ILE A 167 -3.98 -10.56 -2.62
N SER A 168 -5.21 -10.92 -2.25
CA SER A 168 -5.67 -10.86 -0.87
C SER A 168 -4.94 -11.85 0.04
N ILE A 169 -4.70 -11.44 1.31
CA ILE A 169 -4.19 -12.41 2.29
C ILE A 169 -5.16 -13.55 2.54
N THR A 170 -6.44 -13.41 2.18
CA THR A 170 -7.37 -14.50 2.39
C THR A 170 -7.15 -15.65 1.42
N VAL A 171 -6.33 -15.46 0.38
CA VAL A 171 -6.06 -16.55 -0.54
C VAL A 171 -4.59 -16.88 -0.64
N LEU A 172 -3.73 -16.14 0.01
CA LEU A 172 -2.30 -16.38 -0.17
C LEU A 172 -1.82 -17.55 0.69
N PRO A 173 -0.73 -18.20 0.27
CA PRO A 173 -0.15 -19.27 1.07
C PRO A 173 0.27 -18.80 2.47
N LYS A 174 0.16 -19.73 3.43
CA LYS A 174 0.47 -19.40 4.82
C LYS A 174 1.90 -18.87 4.99
N ASP A 175 2.86 -19.42 4.25
CA ASP A 175 4.25 -18.98 4.46
C ASP A 175 4.47 -17.54 3.99
N ILE A 176 3.77 -17.10 2.95
CA ILE A 176 3.84 -15.69 2.58
C ILE A 176 3.23 -14.81 3.67
N LEU A 177 2.09 -15.22 4.25
CA LEU A 177 1.50 -14.44 5.33
C LEU A 177 2.48 -14.27 6.49
N GLN A 178 3.16 -15.36 6.86
CA GLN A 178 4.08 -15.28 8.00
C GLN A 178 5.24 -14.37 7.70
N GLU A 179 5.75 -14.42 6.47
CA GLU A 179 6.82 -13.50 6.09
C GLU A 179 6.36 -12.05 6.12
N ARG A 180 5.04 -11.79 6.02
CA ARG A 180 4.48 -10.45 6.09
C ARG A 180 4.16 -10.00 7.49
N ILE A 181 4.45 -10.80 8.51
CA ILE A 181 4.44 -10.21 9.86
C ILE A 181 5.52 -9.12 9.92
N PRO A 182 5.29 -7.94 10.52
CA PRO A 182 4.16 -7.53 11.34
C PRO A 182 3.17 -6.57 10.63
N TRP A 183 3.09 -6.64 9.31
CA TRP A 183 1.99 -5.94 8.62
C TRP A 183 0.69 -6.73 8.73
N VAL A 184 0.74 -8.04 8.52
CA VAL A 184 -0.47 -8.84 8.74
C VAL A 184 -0.73 -8.94 10.22
N PRO A 185 -1.92 -8.58 10.71
CA PRO A 185 -2.15 -8.52 12.15
C PRO A 185 -2.26 -9.92 12.74
N PRO A 186 -2.05 -10.04 14.04
CA PRO A 186 -2.09 -11.38 14.67
C PRO A 186 -3.38 -12.16 14.44
N GLU A 187 -4.54 -11.50 14.44
CA GLU A 187 -5.76 -12.28 14.27
C GLU A 187 -5.84 -12.89 12.86
N CYS A 188 -5.13 -12.28 11.90
CA CYS A 188 -5.15 -12.77 10.53
C CYS A 188 -4.12 -13.86 10.34
N ILE A 189 -3.05 -13.85 11.13
CA ILE A 189 -2.18 -15.03 11.17
C ILE A 189 -2.94 -16.20 11.75
N GLU A 190 -3.72 -15.96 12.82
CA GLU A 190 -4.51 -17.04 13.39
C GLU A 190 -5.53 -17.57 12.41
N ASN A 191 -6.16 -16.69 11.63
CA ASN A 191 -7.18 -17.12 10.68
C ASN A 191 -7.33 -16.02 9.65
N PRO A 192 -6.84 -16.19 8.43
CA PRO A 192 -6.91 -15.09 7.45
C PRO A 192 -8.33 -14.63 7.12
N LYS A 193 -9.37 -15.44 7.40
CA LYS A 193 -10.74 -14.95 7.20
C LYS A 193 -11.19 -13.95 8.26
N ASN A 194 -10.37 -13.69 9.27
CA ASN A 194 -10.61 -12.61 10.21
C ASN A 194 -10.33 -11.25 9.63
N LEU A 195 -9.98 -11.16 8.35
CA LEU A 195 -9.76 -9.85 7.72
C LEU A 195 -10.99 -8.94 7.88
N ASN A 196 -10.76 -7.72 8.36
CA ASN A 196 -11.81 -6.84 8.88
C ASN A 196 -11.30 -5.40 8.74
N LEU A 197 -12.19 -4.43 8.90
CA LEU A 197 -11.69 -3.05 8.97
C LEU A 197 -10.60 -2.88 10.03
N ALA A 198 -10.71 -3.58 11.17
CA ALA A 198 -9.67 -3.41 12.18
C ALA A 198 -8.29 -3.89 11.71
N THR A 199 -8.24 -4.82 10.72
CA THR A 199 -6.95 -5.21 10.14
C THR A 199 -6.15 -4.00 9.69
N ASP A 200 -6.83 -3.09 9.00
CA ASP A 200 -6.12 -1.98 8.39
C ASP A 200 -5.58 -1.02 9.45
N LYS A 201 -6.21 -0.95 10.63
CA LYS A 201 -5.64 -0.09 11.68
C LYS A 201 -4.32 -0.64 12.16
N TRP A 202 -4.23 -1.97 12.34
CA TRP A 202 -2.93 -2.54 12.73
C TRP A 202 -1.87 -2.26 11.66
N SER A 203 -2.18 -2.56 10.38
CA SER A 203 -1.19 -2.39 9.34
C SER A 203 -0.79 -0.93 9.18
N PHE A 204 -1.73 -0.01 9.39
CA PHE A 204 -1.39 1.40 9.36
C PHE A 204 -0.34 1.71 10.41
N GLY A 205 -0.47 1.15 11.62
CA GLY A 205 0.59 1.36 12.60
C GLY A 205 1.92 0.86 12.10
N THR A 206 1.94 -0.34 11.47
CA THR A 206 3.23 -0.84 10.98
C THR A 206 3.80 0.06 9.89
N THR A 207 2.92 0.63 9.07
CA THR A 207 3.34 1.53 8.01
C THR A 207 3.87 2.83 8.56
N LEU A 208 3.22 3.37 9.61
CA LEU A 208 3.81 4.54 10.28
C LEU A 208 5.21 4.23 10.80
N TRP A 209 5.40 3.05 11.38
CA TRP A 209 6.74 2.69 11.81
C TRP A 209 7.74 2.72 10.62
N GLU A 210 7.34 2.19 9.47
CA GLU A 210 8.23 2.27 8.30
C GLU A 210 8.57 3.72 7.97
N ILE A 211 7.53 4.56 7.95
CA ILE A 211 7.70 5.97 7.58
C ILE A 211 8.68 6.65 8.53
N CYS A 212 8.65 6.27 9.80
CA CYS A 212 9.51 6.85 10.82
C CYS A 212 10.89 6.25 10.85
N SER A 213 11.11 5.13 10.15
CA SER A 213 12.37 4.41 10.25
C SER A 213 13.20 4.39 8.97
N GLY A 214 13.03 5.38 8.09
CA GLY A 214 13.96 5.51 7.00
C GLY A 214 13.96 4.34 6.05
N GLY A 215 12.83 3.63 5.96
CA GLY A 215 12.74 2.52 5.04
C GLY A 215 13.16 1.18 5.60
N ASP A 216 13.67 1.12 6.84
CA ASP A 216 13.88 -0.16 7.49
C ASP A 216 12.62 -0.98 7.53
N LYS A 217 12.79 -2.31 7.50
CA LYS A 217 11.66 -3.22 7.62
C LYS A 217 11.56 -3.73 9.04
N PRO A 218 10.44 -3.54 9.75
CA PRO A 218 10.34 -4.00 11.13
C PRO A 218 10.43 -5.52 11.18
N LEU A 219 11.19 -6.00 12.15
CA LEU A 219 11.45 -7.41 12.38
C LEU A 219 12.17 -8.10 11.22
N SER A 220 12.88 -7.36 10.37
CA SER A 220 13.53 -8.02 9.24
C SER A 220 14.55 -9.06 9.70
N ALA A 221 15.17 -8.86 10.86
CA ALA A 221 16.16 -9.84 11.30
C ALA A 221 15.54 -11.14 11.83
N LEU A 222 14.22 -11.20 11.99
CA LEU A 222 13.55 -12.40 12.46
C LEU A 222 13.11 -13.26 11.28
N ASP A 223 13.48 -14.55 11.30
CA ASP A 223 12.88 -15.45 10.32
C ASP A 223 11.43 -15.72 10.69
N SER A 224 10.72 -16.41 9.80
CA SER A 224 9.26 -16.57 9.96
C SER A 224 8.88 -17.23 11.27
N GLN A 225 9.62 -18.28 11.68
CA GLN A 225 9.34 -18.89 12.98
C GLN A 225 9.40 -17.85 14.09
N ARG A 226 10.43 -16.99 14.07
CA ARG A 226 10.59 -16.01 15.14
C ARG A 226 9.58 -14.90 15.01
N LYS A 227 9.13 -14.59 13.78
CA LYS A 227 8.07 -13.58 13.66
CA LYS A 227 8.06 -13.58 13.66
C LYS A 227 6.76 -14.09 14.25
N LEU A 228 6.45 -15.38 14.02
CA LEU A 228 5.30 -16.00 14.66
C LEU A 228 5.40 -15.94 16.19
N GLN A 229 6.59 -16.26 16.71
CA GLN A 229 6.73 -16.24 18.17
C GLN A 229 6.67 -14.81 18.74
N PHE A 230 7.07 -13.82 17.93
CA PHE A 230 6.89 -12.42 18.32
C PHE A 230 5.42 -12.15 18.60
N TYR A 231 4.53 -12.64 17.73
CA TYR A 231 3.08 -12.50 18.03
C TYR A 231 2.66 -13.33 19.25
N GLU A 232 3.16 -14.57 19.35
CA GLU A 232 2.72 -15.44 20.45
C GLU A 232 3.07 -14.81 21.79
N ASP A 233 4.18 -14.09 21.86
CA ASP A 233 4.66 -13.44 23.09
C ASP A 233 4.14 -12.02 23.24
N ARG A 234 3.33 -11.54 22.29
CA ARG A 234 2.64 -10.27 22.38
C ARG A 234 3.58 -9.07 22.48
N HIS A 235 4.66 -9.11 21.73
CA HIS A 235 5.59 -7.99 21.72
C HIS A 235 5.04 -6.84 20.88
N GLN A 236 5.60 -5.65 21.10
CA GLN A 236 5.35 -4.51 20.26
C GLN A 236 6.63 -4.12 19.55
N LEU A 237 6.50 -3.30 18.50
CA LEU A 237 7.71 -2.90 17.81
C LEU A 237 8.49 -1.93 18.68
N PRO A 238 9.82 -1.88 18.52
CA PRO A 238 10.61 -0.86 19.22
C PRO A 238 10.23 0.52 18.71
N ALA A 239 10.37 1.53 19.56
CA ALA A 239 10.11 2.86 19.07
C ALA A 239 11.16 3.24 18.03
N PRO A 240 10.74 3.88 16.93
CA PRO A 240 11.74 4.46 16.01
C PRO A 240 12.63 5.46 16.73
N LYS A 241 13.86 5.61 16.22
CA LYS A 241 14.81 6.56 16.80
C LYS A 241 14.19 7.95 16.92
N ALA A 242 13.59 8.43 15.83
CA ALA A 242 12.71 9.59 15.84
C ALA A 242 11.33 9.10 16.28
N ALA A 243 11.01 9.29 17.56
CA ALA A 243 9.95 8.51 18.18
C ALA A 243 8.65 9.28 18.31
N GLU A 244 8.49 10.38 17.56
CA GLU A 244 7.32 11.24 17.76
C GLU A 244 5.99 10.49 17.55
N LEU A 245 5.97 9.48 16.69
CA LEU A 245 4.75 8.75 16.41
C LEU A 245 4.70 7.38 17.11
N ALA A 246 5.64 7.07 17.99
CA ALA A 246 5.70 5.73 18.59
C ALA A 246 4.43 5.37 19.34
N ASN A 247 3.88 6.30 20.14
CA ASN A 247 2.68 5.92 20.89
C ASN A 247 1.52 5.63 19.96
N LEU A 248 1.35 6.45 18.91
CA LEU A 248 0.29 6.20 17.94
C LEU A 248 0.48 4.84 17.25
N ILE A 249 1.72 4.52 16.86
CA ILE A 249 2.04 3.21 16.26
C ILE A 249 1.62 2.08 17.21
N ASN A 250 1.98 2.22 18.48
CA ASN A 250 1.64 1.13 19.41
C ASN A 250 0.14 1.07 19.68
N ASN A 251 -0.54 2.22 19.72
CA ASN A 251 -2.00 2.20 19.94
C ASN A 251 -2.74 1.57 18.79
N CYS A 252 -2.22 1.75 17.56
CA CYS A 252 -2.82 1.14 16.39
C CYS A 252 -2.55 -0.36 16.37
N MET A 253 -1.34 -0.75 16.78
CA MET A 253 -0.91 -2.14 16.79
C MET A 253 -1.33 -2.80 18.10
N ASP A 254 -2.64 -2.76 18.35
CA ASP A 254 -3.26 -3.33 19.55
C ASP A 254 -3.64 -4.78 19.29
N TYR A 255 -3.16 -5.68 20.16
CA TYR A 255 -3.51 -7.08 19.94
C TYR A 255 -5.02 -7.35 20.07
N GLU A 256 -5.81 -6.45 20.69
CA GLU A 256 -7.27 -6.58 20.71
CA GLU A 256 -7.25 -6.58 20.72
C GLU A 256 -7.82 -5.79 19.55
N PRO A 257 -8.33 -6.43 18.49
CA PRO A 257 -8.78 -5.64 17.32
C PRO A 257 -9.82 -4.61 17.68
N ASP A 258 -10.75 -4.95 18.59
CA ASP A 258 -11.85 -4.05 18.93
C ASP A 258 -11.36 -2.78 19.62
N HIS A 259 -10.14 -2.78 20.13
CA HIS A 259 -9.65 -1.62 20.85
C HIS A 259 -8.87 -0.67 19.95
N ARG A 260 -8.62 -1.03 18.69
CA ARG A 260 -7.82 -0.19 17.82
C ARG A 260 -8.62 1.07 17.50
N PRO A 261 -7.97 2.21 17.47
CA PRO A 261 -8.72 3.47 17.35
C PRO A 261 -9.27 3.70 15.95
N SER A 262 -10.40 4.42 15.88
CA SER A 262 -10.97 4.80 14.59
C SER A 262 -9.98 5.67 13.83
N PHE A 263 -10.13 5.71 12.51
CA PHE A 263 -9.27 6.65 11.80
C PHE A 263 -9.62 8.11 12.11
N ARG A 264 -10.88 8.41 12.48
CA ARG A 264 -11.16 9.77 12.92
C ARG A 264 -10.31 10.13 14.15
N ALA A 265 -10.24 9.21 15.12
CA ALA A 265 -9.46 9.46 16.31
C ALA A 265 -7.96 9.52 16.00
N ILE A 266 -7.52 8.69 15.05
CA ILE A 266 -6.12 8.74 14.62
C ILE A 266 -5.80 10.10 14.04
N ILE A 267 -6.69 10.62 13.20
CA ILE A 267 -6.49 11.94 12.62
C ILE A 267 -6.45 13.00 13.73
N ARG A 268 -7.37 12.91 14.70
CA ARG A 268 -7.33 13.90 15.78
C ARG A 268 -6.01 13.84 16.54
N ASP A 269 -5.48 12.64 16.73
CA ASP A 269 -4.19 12.47 17.39
C ASP A 269 -3.07 13.09 16.57
N LEU A 270 -3.03 12.81 15.25
CA LEU A 270 -2.00 13.44 14.42
C LEU A 270 -2.10 14.94 14.45
N ASN A 271 -3.32 15.49 14.46
CA ASN A 271 -3.46 16.93 14.40
C ASN A 271 -3.01 17.55 15.71
N SER A 272 -2.98 16.76 16.77
CA SER A 272 -2.49 17.31 18.03
C SER A 272 -0.97 17.45 18.10
N LEU A 273 -0.22 16.81 17.20
CA LEU A 273 1.24 16.91 17.22
C LEU A 273 1.76 18.10 16.43
C10 8MY B . 3.13 3.40 -9.78
C13 8MY B . 4.70 2.01 -8.59
C15 8MY B . 6.12 0.76 -7.21
C17 8MY B . 4.62 -0.70 -6.41
C22 8MY B . 8.50 5.67 -10.65
C02 8MY B . 12.05 4.68 -9.96
C03 8MY B . 10.54 4.59 -10.06
C04 8MY B . 9.87 3.46 -9.66
C05 8MY B . 8.49 3.42 -9.76
C06 8MY B . 7.83 4.54 -10.25
C08 8MY B . 5.39 3.77 -9.88
C12 8MY B . 3.40 2.33 -8.92
C16 8MY B . 5.95 -0.34 -6.36
C18 8MY B . 3.97 -1.84 -5.62
C23 8MY B . 9.87 5.70 -10.55
N01 8MY B . 13.17 4.77 -9.90
N07 8MY B . 6.40 4.60 -10.43
N09 8MY B . 4.14 4.11 -10.24
N11 8MY B . 1.77 3.74 -10.12
N14 8MY B . 4.95 1.01 -7.75
N20 8MY B . 4.00 0.14 -7.26
N21 8MY B . 5.66 2.77 -9.08
O19 8MY B . 2.86 -1.29 -4.97
C1 GOL C . 3.39 -6.55 3.84
O1 GOL C . 2.54 -6.65 2.73
C2 GOL C . 4.80 -6.66 3.32
O2 GOL C . 4.73 -7.26 2.06
C3 GOL C . 5.23 -5.22 3.06
O3 GOL C . 6.60 -5.21 2.79
C1 GOL D . -3.79 16.59 -6.00
O1 GOL D . -4.73 17.00 -6.97
C2 GOL D . -2.44 17.25 -6.25
O2 GOL D . -1.99 17.84 -5.06
C3 GOL D . -1.41 16.23 -6.71
O3 GOL D . -1.63 15.89 -8.06
C1 GOL E . -4.30 7.54 20.07
O1 GOL E . -3.18 7.03 19.41
C2 GOL E . -5.56 6.95 19.49
O2 GOL E . -5.85 7.67 18.32
C3 GOL E . -6.72 7.16 20.46
O3 GOL E . -7.12 8.52 20.43
C1 GOL F . -1.13 -13.43 18.88
O1 GOL F . -1.06 -13.46 20.29
C2 GOL F . -1.57 -14.78 18.32
O2 GOL F . -0.45 -15.62 18.18
C3 GOL F . -2.21 -14.61 16.94
O3 GOL F . -1.28 -14.98 15.93
C1 GOL G . 3.35 -5.71 -0.84
O1 GOL G . 2.81 -6.78 -0.10
C2 GOL G . 3.15 -5.95 -2.33
O2 GOL G . 2.77 -4.73 -2.94
C3 GOL G . 2.09 -7.02 -2.57
O3 GOL G . 2.13 -7.44 -3.92
S DMS H . 7.97 5.17 23.17
O DMS H . 9.00 4.36 23.91
C1 DMS H . 6.58 4.06 22.86
C2 DMS H . 7.23 6.37 24.30
C ACT I . -11.99 14.99 0.99
O ACT I . -12.68 16.05 1.02
OXT ACT I . -12.31 14.06 1.79
CH3 ACT I . -10.83 14.82 0.07
#